data_4C31
#
_entry.id   4C31
#
_cell.length_a   95.550
_cell.length_b   95.550
_cell.length_c   105.660
_cell.angle_alpha   90.00
_cell.angle_beta   90.00
_cell.angle_gamma   120.00
#
_symmetry.space_group_name_H-M   'P 32 2 1'
#
loop_
_entity.id
_entity.type
_entity.pdbx_description
1 polymer 'NUCLEAR MRNA EXPORT PROTEIN SAC3'
2 polymer 'PROTEIN SUS1'
3 polymer 'NUCLEOPORIN NUP1'
#
loop_
_entity_poly.entity_id
_entity_poly.type
_entity_poly.pdbx_seq_one_letter_code
_entity_poly.pdbx_strand_id
1 'polypeptide(L)' GSRKDFIDTMTRELYDAFLHERLYLIYMDSRAE A,D
2 'polypeptide(L)'
;MTMDTAQLKSQIQQYLVESGNYELISNELKARLLQEGWVDKVKDLTKSEMNINESTNFTQILSTVEPKALEMVSDSTRET
VLKQIREFLEEIVDTQ
;
B,E
3 'polypeptide(L)' GSPKKDKESIVLPTVGFDFIKDNETPSKKTSPKATS C,F,X,Y
#
# COMPACT_ATOMS: atom_id res chain seq x y z
N SER A 2 -13.98 -22.31 -15.40
CA SER A 2 -12.93 -22.37 -14.39
C SER A 2 -12.01 -21.15 -14.50
N ARG A 3 -11.17 -21.14 -15.53
CA ARG A 3 -10.31 -19.99 -15.82
C ARG A 3 -11.14 -18.74 -16.05
N LYS A 4 -12.32 -18.91 -16.63
CA LYS A 4 -13.21 -17.78 -16.85
C LYS A 4 -13.66 -17.19 -15.52
N ASP A 5 -13.96 -18.07 -14.57
CA ASP A 5 -14.42 -17.64 -13.25
C ASP A 5 -13.29 -16.99 -12.46
N PHE A 6 -12.06 -17.41 -12.75
CA PHE A 6 -10.89 -16.86 -12.09
C PHE A 6 -10.71 -15.39 -12.46
N ILE A 7 -10.67 -15.13 -13.76
CA ILE A 7 -10.46 -13.78 -14.27
C ILE A 7 -11.59 -12.85 -13.85
N ASP A 8 -12.81 -13.39 -13.77
CA ASP A 8 -13.97 -12.59 -13.38
C ASP A 8 -13.80 -11.97 -12.00
N THR A 9 -13.30 -12.78 -11.06
CA THR A 9 -13.08 -12.29 -9.69
C THR A 9 -11.83 -11.43 -9.63
N MET A 10 -10.76 -11.87 -10.29
CA MET A 10 -9.52 -11.09 -10.35
C MET A 10 -9.78 -9.70 -10.92
N THR A 11 -10.65 -9.62 -11.92
CA THR A 11 -11.01 -8.34 -12.51
C THR A 11 -11.67 -7.45 -11.46
N ARG A 12 -12.72 -7.95 -10.82
CA ARG A 12 -13.47 -7.18 -9.84
C ARG A 12 -12.60 -6.76 -8.67
N GLU A 13 -11.73 -7.65 -8.21
CA GLU A 13 -10.85 -7.34 -7.09
C GLU A 13 -9.86 -6.23 -7.44
N LEU A 14 -9.29 -6.29 -8.64
CA LEU A 14 -8.39 -5.23 -9.10
C LEU A 14 -9.15 -3.94 -9.30
N TYR A 15 -10.35 -4.03 -9.86
CA TYR A 15 -11.19 -2.84 -10.06
C TYR A 15 -11.50 -2.19 -8.73
N ASP A 16 -11.76 -3.00 -7.71
CA ASP A 16 -12.09 -2.50 -6.39
C ASP A 16 -10.86 -1.83 -5.76
N ALA A 17 -9.71 -2.47 -5.90
CA ALA A 17 -8.46 -1.92 -5.39
C ALA A 17 -8.22 -0.53 -5.97
N PHE A 18 -8.38 -0.41 -7.27
CA PHE A 18 -8.21 0.88 -7.94
C PHE A 18 -9.10 1.94 -7.35
N LEU A 19 -10.36 1.59 -7.08
CA LEU A 19 -11.32 2.54 -6.57
C LEU A 19 -11.11 2.79 -5.09
N HIS A 20 -10.75 1.74 -4.37
CA HIS A 20 -10.47 1.85 -2.95
C HIS A 20 -9.35 2.86 -2.75
N GLU A 21 -8.27 2.70 -3.54
CA GLU A 21 -7.15 3.63 -3.51
C GLU A 21 -7.59 5.06 -3.84
N ARG A 22 -8.46 5.18 -4.84
CA ARG A 22 -8.96 6.48 -5.27
C ARG A 22 -9.70 7.17 -4.13
N LEU A 23 -10.46 6.41 -3.35
CA LEU A 23 -11.14 6.94 -2.18
C LEU A 23 -10.12 7.45 -1.17
N TYR A 24 -9.15 6.59 -0.86
CA TYR A 24 -8.10 6.91 0.09
C TYR A 24 -7.41 8.24 -0.22
N LEU A 25 -7.07 8.44 -1.48
CA LEU A 25 -6.41 9.66 -1.90
C LEU A 25 -7.31 10.86 -1.72
N ILE A 26 -8.61 10.65 -1.83
CA ILE A 26 -9.56 11.74 -1.62
C ILE A 26 -9.68 12.01 -0.13
N TYR A 27 -9.70 10.96 0.68
CA TYR A 27 -9.74 11.11 2.13
C TYR A 27 -8.56 11.93 2.61
N MET A 28 -7.36 11.48 2.25
CA MET A 28 -6.14 12.12 2.71
C MET A 28 -6.01 13.54 2.16
N ASP A 29 -6.35 13.71 0.90
CA ASP A 29 -6.27 15.03 0.28
C ASP A 29 -7.34 15.96 0.86
N SER A 30 -8.40 15.37 1.40
CA SER A 30 -9.50 16.15 1.94
C SER A 30 -9.17 16.72 3.31
N ARG A 31 -8.40 15.96 4.09
CA ARG A 31 -8.02 16.41 5.42
C ARG A 31 -7.00 17.55 5.37
N ALA A 32 -6.45 17.80 4.19
CA ALA A 32 -5.53 18.92 3.98
C ALA A 32 -6.27 20.25 4.06
N ASP B 4 -1.05 -20.97 -2.69
CA ASP B 4 -0.51 -20.14 -3.76
C ASP B 4 -1.54 -19.13 -4.25
N THR B 5 -2.77 -19.27 -3.77
CA THR B 5 -3.84 -18.39 -4.20
C THR B 5 -3.48 -16.92 -3.94
N ALA B 6 -2.91 -16.66 -2.77
CA ALA B 6 -2.48 -15.32 -2.41
C ALA B 6 -1.17 -14.97 -3.11
N GLN B 7 -0.48 -16.00 -3.58
CA GLN B 7 0.79 -15.82 -4.26
C GLN B 7 0.58 -15.52 -5.74
N LEU B 8 -0.56 -15.94 -6.28
CA LEU B 8 -0.92 -15.62 -7.66
C LEU B 8 -1.24 -14.14 -7.79
N LYS B 9 -1.95 -13.62 -6.80
CA LYS B 9 -2.29 -12.20 -6.76
C LYS B 9 -1.05 -11.33 -6.74
N SER B 10 0.04 -11.86 -6.19
CA SER B 10 1.29 -11.12 -6.17
C SER B 10 1.86 -11.03 -7.58
N GLN B 11 1.77 -12.14 -8.32
CA GLN B 11 2.28 -12.16 -9.69
C GLN B 11 1.47 -11.22 -10.60
N ILE B 12 0.15 -11.22 -10.42
CA ILE B 12 -0.71 -10.29 -11.15
C ILE B 12 -0.28 -8.85 -10.85
N GLN B 13 -0.28 -8.49 -9.56
CA GLN B 13 0.09 -7.14 -9.15
C GLN B 13 1.49 -6.79 -9.61
N GLN B 14 2.37 -7.79 -9.59
CA GLN B 14 3.75 -7.61 -10.01
C GLN B 14 3.82 -7.10 -11.44
N TYR B 15 3.21 -7.87 -12.34
CA TYR B 15 3.25 -7.59 -13.77
C TYR B 15 2.38 -6.39 -14.13
N LEU B 16 1.31 -6.18 -13.36
CA LEU B 16 0.42 -5.05 -13.56
C LEU B 16 1.16 -3.72 -13.42
N VAL B 17 2.05 -3.65 -12.44
CA VAL B 17 2.80 -2.43 -12.17
C VAL B 17 3.99 -2.28 -13.12
N GLU B 18 4.72 -3.38 -13.32
CA GLU B 18 5.94 -3.35 -14.12
C GLU B 18 5.69 -3.05 -15.60
N SER B 19 4.57 -3.55 -16.11
CA SER B 19 4.20 -3.33 -17.50
C SER B 19 3.68 -1.92 -17.73
N GLY B 20 3.33 -1.23 -16.64
CA GLY B 20 2.87 0.14 -16.70
C GLY B 20 1.35 0.27 -16.73
N ASN B 21 0.67 -0.87 -16.73
CA ASN B 21 -0.79 -0.86 -16.83
C ASN B 21 -1.43 -0.27 -15.59
N TYR B 22 -0.79 -0.41 -14.43
CA TYR B 22 -1.31 0.20 -13.21
C TYR B 22 -1.34 1.73 -13.33
N GLU B 23 -0.27 2.30 -13.86
CA GLU B 23 -0.16 3.75 -14.01
C GLU B 23 -1.27 4.25 -14.91
N LEU B 24 -1.34 3.66 -16.10
CA LEU B 24 -2.32 4.05 -17.12
C LEU B 24 -3.75 4.00 -16.58
N ILE B 25 -4.11 2.89 -15.96
CA ILE B 25 -5.48 2.68 -15.49
C ILE B 25 -5.83 3.60 -14.34
N SER B 26 -4.90 3.77 -13.42
CA SER B 26 -5.14 4.66 -12.30
C SER B 26 -5.26 6.09 -12.82
N ASN B 27 -4.46 6.44 -13.83
CA ASN B 27 -4.53 7.77 -14.44
C ASN B 27 -5.84 8.02 -15.17
N GLU B 28 -6.20 7.07 -16.03
CA GLU B 28 -7.45 7.15 -16.78
C GLU B 28 -8.64 7.27 -15.85
N LEU B 29 -8.67 6.38 -14.87
CA LEU B 29 -9.76 6.30 -13.91
C LEU B 29 -9.89 7.61 -13.14
N LYS B 30 -8.77 8.29 -12.93
CA LYS B 30 -8.80 9.59 -12.27
C LYS B 30 -9.44 10.59 -13.23
N ALA B 31 -8.87 10.69 -14.42
CA ALA B 31 -9.34 11.65 -15.41
C ALA B 31 -10.83 11.50 -15.70
N ARG B 32 -11.28 10.26 -15.86
CA ARG B 32 -12.68 9.98 -16.18
C ARG B 32 -13.60 10.34 -15.01
N LEU B 33 -13.31 9.78 -13.84
CA LEU B 33 -14.10 10.06 -12.65
C LEU B 33 -14.12 11.55 -12.34
N LEU B 34 -13.06 12.26 -12.75
CA LEU B 34 -12.98 13.69 -12.55
C LEU B 34 -13.91 14.46 -13.47
N GLN B 35 -14.09 13.97 -14.70
CA GLN B 35 -14.91 14.66 -15.69
C GLN B 35 -16.40 14.45 -15.42
N GLU B 36 -16.76 13.28 -14.90
CA GLU B 36 -18.14 13.01 -14.51
C GLU B 36 -18.57 13.88 -13.34
N GLY B 37 -17.61 14.50 -12.68
CA GLY B 37 -17.85 15.20 -11.44
C GLY B 37 -18.04 14.21 -10.30
N TRP B 38 -17.63 12.96 -10.52
CA TRP B 38 -17.69 11.91 -9.50
C TRP B 38 -16.70 12.19 -8.38
N VAL B 39 -15.58 12.82 -8.73
CA VAL B 39 -14.59 13.21 -7.74
C VAL B 39 -15.20 14.23 -6.78
N ASP B 40 -15.71 15.32 -7.34
CA ASP B 40 -16.24 16.42 -6.54
C ASP B 40 -17.41 15.95 -5.69
N LYS B 41 -18.21 15.02 -6.22
CA LYS B 41 -19.34 14.50 -5.48
C LYS B 41 -18.88 13.66 -4.29
N VAL B 42 -17.86 12.83 -4.50
CA VAL B 42 -17.31 11.99 -3.44
C VAL B 42 -16.47 12.82 -2.46
N LYS B 43 -15.81 13.84 -2.98
CA LYS B 43 -15.01 14.74 -2.16
C LYS B 43 -15.89 15.49 -1.17
N ASP B 44 -16.95 16.12 -1.66
CA ASP B 44 -17.85 16.90 -0.81
C ASP B 44 -18.54 16.04 0.24
N LEU B 45 -18.72 14.75 -0.06
CA LEU B 45 -19.35 13.85 0.89
C LEU B 45 -18.40 13.51 2.02
N THR B 46 -17.15 13.25 1.70
CA THR B 46 -16.16 12.93 2.71
C THR B 46 -15.92 14.15 3.60
N LYS B 47 -15.80 15.33 2.98
CA LYS B 47 -15.57 16.57 3.72
C LYS B 47 -16.70 16.84 4.72
N SER B 48 -17.93 16.70 4.26
CA SER B 48 -19.09 16.94 5.11
C SER B 48 -19.27 15.83 6.14
N GLU B 49 -18.83 14.62 5.79
CA GLU B 49 -18.88 13.49 6.71
C GLU B 49 -17.87 13.67 7.84
N MET B 50 -16.83 14.46 7.56
CA MET B 50 -15.76 14.73 8.51
C MET B 50 -16.15 15.78 9.55
N ASN B 51 -17.06 16.68 9.17
CA ASN B 51 -17.42 17.78 10.05
C ASN B 51 -18.47 17.44 11.10
N ILE B 52 -19.32 16.47 10.80
CA ILE B 52 -20.38 16.08 11.73
C ILE B 52 -19.81 15.27 12.88
N ASN B 53 -18.82 14.44 12.56
CA ASN B 53 -18.22 13.54 13.55
C ASN B 53 -16.83 14.01 13.89
N GLU B 54 -16.57 14.24 15.18
CA GLU B 54 -15.28 14.73 15.63
C GLU B 54 -14.15 13.76 15.27
N SER B 55 -14.25 12.52 15.75
CA SER B 55 -13.30 11.49 15.38
C SER B 55 -13.67 10.91 14.01
N THR B 56 -12.86 11.21 13.01
CA THR B 56 -13.12 10.75 11.65
C THR B 56 -12.03 9.80 11.16
N ASN B 57 -12.32 8.51 11.23
CA ASN B 57 -11.37 7.50 10.81
C ASN B 57 -11.71 7.03 9.40
N PHE B 58 -10.69 6.77 8.59
CA PHE B 58 -10.89 6.37 7.21
C PHE B 58 -11.72 5.11 7.06
N THR B 59 -11.36 4.07 7.80
CA THR B 59 -12.07 2.81 7.70
C THR B 59 -13.53 3.01 8.11
N GLN B 60 -13.75 3.97 8.99
CA GLN B 60 -15.10 4.28 9.47
C GLN B 60 -15.95 4.92 8.39
N ILE B 61 -15.43 5.98 7.75
CA ILE B 61 -16.18 6.69 6.73
C ILE B 61 -16.20 5.89 5.43
N LEU B 62 -15.24 4.98 5.28
CA LEU B 62 -15.20 4.10 4.12
C LEU B 62 -16.52 3.33 4.00
N SER B 63 -17.03 2.88 5.15
CA SER B 63 -18.23 2.08 5.19
C SER B 63 -19.50 2.85 4.83
N THR B 64 -19.45 4.18 4.95
CA THR B 64 -20.62 5.01 4.69
C THR B 64 -20.55 5.70 3.32
N VAL B 65 -19.34 5.78 2.75
CA VAL B 65 -19.12 6.47 1.49
C VAL B 65 -18.88 5.50 0.33
N GLU B 66 -18.14 4.43 0.59
CA GLU B 66 -17.74 3.50 -0.47
C GLU B 66 -18.92 2.93 -1.26
N PRO B 67 -19.91 2.34 -0.57
CA PRO B 67 -20.98 1.70 -1.35
C PRO B 67 -21.75 2.67 -2.22
N LYS B 68 -21.98 3.88 -1.72
CA LYS B 68 -22.71 4.89 -2.45
C LYS B 68 -21.87 5.43 -3.61
N ALA B 69 -20.55 5.33 -3.48
CA ALA B 69 -19.63 5.86 -4.48
C ALA B 69 -19.44 4.94 -5.67
N LEU B 70 -19.49 3.63 -5.43
CA LEU B 70 -19.33 2.66 -6.51
C LEU B 70 -20.42 2.79 -7.56
N GLU B 71 -21.67 2.93 -7.11
CA GLU B 71 -22.79 2.95 -8.03
C GLU B 71 -22.83 4.27 -8.80
N MET B 72 -22.29 5.33 -8.19
CA MET B 72 -22.27 6.64 -8.83
C MET B 72 -21.25 6.69 -9.95
N VAL B 73 -20.38 5.69 -10.03
CA VAL B 73 -19.46 5.59 -11.14
C VAL B 73 -20.28 5.40 -12.40
N SER B 74 -20.10 6.30 -13.37
CA SER B 74 -20.82 6.19 -14.63
C SER B 74 -20.58 4.83 -15.26
N ASP B 75 -21.64 4.27 -15.86
CA ASP B 75 -21.56 2.96 -16.48
C ASP B 75 -20.51 2.93 -17.59
N SER B 76 -20.37 4.04 -18.30
CA SER B 76 -19.34 4.16 -19.33
C SER B 76 -17.98 3.86 -18.74
N THR B 77 -17.61 4.61 -17.71
CA THR B 77 -16.32 4.47 -17.04
C THR B 77 -16.12 3.08 -16.47
N ARG B 78 -17.09 2.60 -15.68
CA ARG B 78 -16.96 1.31 -15.03
C ARG B 78 -16.69 0.19 -16.03
N GLU B 79 -17.39 0.21 -17.15
CA GLU B 79 -17.28 -0.86 -18.14
C GLU B 79 -15.96 -0.77 -18.91
N THR B 80 -15.53 0.46 -19.22
CA THR B 80 -14.28 0.66 -19.94
C THR B 80 -13.10 0.12 -19.12
N VAL B 81 -13.07 0.44 -17.83
CA VAL B 81 -11.99 0.00 -16.94
C VAL B 81 -12.02 -1.50 -16.75
N LEU B 82 -13.20 -2.03 -16.43
CA LEU B 82 -13.37 -3.47 -16.27
C LEU B 82 -12.88 -4.22 -17.51
N LYS B 83 -13.20 -3.68 -18.68
CA LYS B 83 -12.76 -4.27 -19.94
C LYS B 83 -11.24 -4.30 -20.04
N GLN B 84 -10.63 -3.14 -19.83
CA GLN B 84 -9.18 -3.00 -19.92
C GLN B 84 -8.45 -3.91 -18.93
N ILE B 85 -8.99 -4.05 -17.73
CA ILE B 85 -8.42 -4.94 -16.73
C ILE B 85 -8.49 -6.39 -17.22
N ARG B 86 -9.67 -6.79 -17.71
CA ARG B 86 -9.87 -8.16 -18.16
C ARG B 86 -8.95 -8.48 -19.33
N GLU B 87 -8.85 -7.54 -20.28
CA GLU B 87 -7.97 -7.71 -21.44
C GLU B 87 -6.53 -7.98 -21.00
N PHE B 88 -6.10 -7.25 -19.98
CA PHE B 88 -4.76 -7.46 -19.42
C PHE B 88 -4.65 -8.83 -18.78
N LEU B 89 -5.65 -9.17 -17.97
CA LEU B 89 -5.68 -10.48 -17.31
C LEU B 89 -5.70 -11.61 -18.34
N GLU B 90 -6.50 -11.44 -19.39
CA GLU B 90 -6.67 -12.47 -20.41
C GLU B 90 -5.35 -12.84 -21.08
N GLU B 91 -4.46 -11.87 -21.21
CA GLU B 91 -3.16 -12.09 -21.83
C GLU B 91 -2.17 -12.72 -20.85
N ILE B 92 -2.28 -12.34 -19.57
CA ILE B 92 -1.34 -12.74 -18.53
C ILE B 92 -1.59 -14.17 -18.02
N VAL B 93 -2.85 -14.48 -17.74
CA VAL B 93 -3.24 -15.81 -17.27
C VAL B 93 -2.94 -16.87 -18.35
N ASP B 94 -2.51 -18.04 -17.90
CA ASP B 94 -2.08 -19.12 -18.79
C ASP B 94 -3.25 -20.03 -19.19
N THR B 95 -3.04 -20.79 -20.26
CA THR B 95 -4.05 -21.71 -20.77
C THR B 95 -3.89 -23.09 -20.15
N LYS C 7 8.71 10.42 -13.97
CA LYS C 7 8.89 10.37 -15.42
C LYS C 7 10.09 9.51 -15.81
N GLU C 8 10.89 9.11 -14.82
CA GLU C 8 12.07 8.27 -15.07
C GLU C 8 11.97 6.93 -14.33
N SER C 9 11.41 6.96 -13.12
CA SER C 9 11.20 5.76 -12.31
C SER C 9 9.80 5.20 -12.53
N ILE C 10 9.55 3.99 -12.03
CA ILE C 10 8.26 3.34 -12.20
C ILE C 10 7.27 3.79 -11.13
N VAL C 11 6.01 3.94 -11.54
CA VAL C 11 4.93 4.36 -10.67
C VAL C 11 4.46 3.20 -9.79
N LEU C 12 4.68 3.31 -8.48
CA LEU C 12 4.17 2.30 -7.56
C LEU C 12 2.82 2.71 -6.97
N PRO C 13 1.92 1.73 -6.78
CA PRO C 13 0.66 2.07 -6.11
C PRO C 13 0.87 2.47 -4.65
N THR C 14 -0.05 3.29 -4.12
CA THR C 14 0.02 3.70 -2.73
C THR C 14 -0.52 2.60 -1.83
N VAL C 15 -0.39 2.81 -0.52
CA VAL C 15 -0.88 1.85 0.46
C VAL C 15 -2.39 1.63 0.28
N GLY C 16 -3.05 2.60 -0.34
CA GLY C 16 -4.49 2.54 -0.55
C GLY C 16 -4.91 1.48 -1.55
N PHE C 17 -3.98 1.06 -2.40
CA PHE C 17 -4.24 0.03 -3.39
C PHE C 17 -4.18 -1.38 -2.75
N ASP C 18 -5.30 -1.83 -2.22
CA ASP C 18 -5.32 -3.06 -1.41
C ASP C 18 -5.77 -4.29 -2.20
N PHE C 19 -5.06 -4.59 -3.28
CA PHE C 19 -5.38 -5.77 -4.07
C PHE C 19 -5.12 -7.02 -3.22
N ILE C 20 -3.95 -7.08 -2.60
CA ILE C 20 -3.56 -8.19 -1.74
C ILE C 20 -3.87 -7.89 -0.27
N LYS C 21 -4.69 -8.75 0.34
CA LYS C 21 -5.12 -8.57 1.73
C LYS C 21 -5.88 -7.26 1.90
N SER D 2 -0.48 -5.33 28.94
CA SER D 2 -0.52 -3.96 29.44
C SER D 2 -0.37 -2.97 28.29
N ARG D 3 -0.55 -1.69 28.58
CA ARG D 3 -0.33 -0.62 27.61
C ARG D 3 1.10 -0.68 27.10
N LYS D 4 2.01 -1.09 27.99
CA LYS D 4 3.41 -1.24 27.64
C LYS D 4 3.57 -2.31 26.57
N ASP D 5 2.83 -3.40 26.70
CA ASP D 5 2.89 -4.50 25.74
C ASP D 5 2.21 -4.12 24.41
N PHE D 6 1.23 -3.23 24.48
CA PHE D 6 0.54 -2.77 23.28
C PHE D 6 1.49 -2.02 22.37
N ILE D 7 2.14 -1.01 22.91
CA ILE D 7 3.07 -0.19 22.13
C ILE D 7 4.24 -1.04 21.65
N ASP D 8 4.63 -2.04 22.44
CA ASP D 8 5.73 -2.93 22.07
C ASP D 8 5.47 -3.64 20.75
N THR D 9 4.24 -4.12 20.57
CA THR D 9 3.88 -4.82 19.34
C THR D 9 3.69 -3.82 18.19
N MET D 10 2.98 -2.73 18.47
CA MET D 10 2.76 -1.68 17.48
C MET D 10 4.08 -1.15 16.94
N THR D 11 5.08 -1.04 17.82
CA THR D 11 6.40 -0.60 17.41
C THR D 11 6.98 -1.57 16.38
N ARG D 12 7.02 -2.86 16.74
CA ARG D 12 7.63 -3.86 15.87
C ARG D 12 6.91 -3.95 14.53
N GLU D 13 5.58 -3.86 14.56
CA GLU D 13 4.79 -3.95 13.34
C GLU D 13 5.08 -2.78 12.41
N LEU D 14 5.21 -1.58 12.97
CA LEU D 14 5.56 -0.40 12.19
C LEU D 14 6.99 -0.48 11.66
N TYR D 15 7.90 -0.96 12.49
CA TYR D 15 9.28 -1.09 12.05
C TYR D 15 9.32 -2.08 10.89
N ASP D 16 8.53 -3.14 10.97
CA ASP D 16 8.50 -4.16 9.94
C ASP D 16 7.94 -3.58 8.65
N ALA D 17 6.86 -2.81 8.78
CA ALA D 17 6.22 -2.16 7.63
C ALA D 17 7.22 -1.30 6.89
N PHE D 18 7.97 -0.50 7.63
CA PHE D 18 8.98 0.38 7.05
C PHE D 18 10.04 -0.41 6.28
N LEU D 19 10.47 -1.52 6.85
CA LEU D 19 11.50 -2.33 6.22
C LEU D 19 10.92 -3.19 5.12
N HIS D 20 9.70 -3.67 5.31
CA HIS D 20 9.01 -4.42 4.28
C HIS D 20 8.89 -3.55 3.03
N GLU D 21 8.41 -2.32 3.20
CA GLU D 21 8.33 -1.41 2.08
C GLU D 21 9.68 -1.20 1.44
N ARG D 22 10.70 -1.00 2.26
CA ARG D 22 12.04 -0.73 1.74
C ARG D 22 12.52 -1.90 0.88
N LEU D 23 12.22 -3.12 1.30
CA LEU D 23 12.57 -4.30 0.51
C LEU D 23 11.85 -4.27 -0.83
N TYR D 24 10.54 -4.08 -0.79
CA TYR D 24 9.70 -4.04 -1.99
C TYR D 24 10.27 -3.08 -3.01
N LEU D 25 10.67 -1.89 -2.54
CA LEU D 25 11.22 -0.88 -3.43
C LEU D 25 12.53 -1.34 -4.04
N ILE D 26 13.28 -2.16 -3.31
CA ILE D 26 14.53 -2.70 -3.83
C ILE D 26 14.21 -3.80 -4.85
N TYR D 27 13.20 -4.60 -4.55
CA TYR D 27 12.74 -5.65 -5.46
C TYR D 27 12.32 -5.04 -6.79
N MET D 28 11.41 -4.07 -6.73
CA MET D 28 10.86 -3.45 -7.92
C MET D 28 11.93 -2.69 -8.69
N ASP D 29 12.80 -2.00 -7.96
CA ASP D 29 13.88 -1.25 -8.58
C ASP D 29 14.92 -2.19 -9.19
N SER D 30 14.97 -3.42 -8.69
CA SER D 30 15.96 -4.39 -9.13
C SER D 30 15.60 -4.99 -10.48
N ARG D 31 14.30 -5.12 -10.73
CA ARG D 31 13.83 -5.67 -11.99
C ARG D 31 14.04 -4.70 -13.15
N ALA D 32 14.36 -3.45 -12.82
CA ALA D 32 14.70 -2.46 -13.84
C ALA D 32 16.06 -2.77 -14.46
N ASP E 4 -11.73 -3.12 17.65
CA ASP E 4 -11.16 -1.82 17.32
C ASP E 4 -9.67 -1.93 17.01
N THR E 5 -9.10 -3.10 17.26
CA THR E 5 -7.66 -3.32 17.08
C THR E 5 -7.20 -2.98 15.66
N ALA E 6 -7.95 -3.40 14.66
CA ALA E 6 -7.61 -3.11 13.27
C ALA E 6 -7.98 -1.68 12.92
N GLN E 7 -8.87 -1.09 13.73
CA GLN E 7 -9.32 0.27 13.50
C GLN E 7 -8.39 1.27 14.16
N LEU E 8 -7.68 0.83 15.20
CA LEU E 8 -6.68 1.66 15.86
C LEU E 8 -5.43 1.79 14.99
N LYS E 9 -5.05 0.70 14.34
CA LYS E 9 -3.92 0.72 13.40
C LYS E 9 -4.22 1.70 12.26
N SER E 10 -5.50 1.89 11.97
CA SER E 10 -5.88 2.85 10.94
C SER E 10 -5.62 4.26 11.43
N GLN E 11 -5.98 4.52 12.69
CA GLN E 11 -5.77 5.84 13.28
C GLN E 11 -4.28 6.16 13.46
N ILE E 12 -3.50 5.17 13.87
CA ILE E 12 -2.05 5.33 13.98
C ILE E 12 -1.45 5.73 12.63
N GLN E 13 -1.69 4.89 11.62
CA GLN E 13 -1.16 5.13 10.29
C GLN E 13 -1.63 6.47 9.74
N GLN E 14 -2.88 6.83 10.06
CA GLN E 14 -3.43 8.09 9.60
C GLN E 14 -2.58 9.23 10.13
N TYR E 15 -2.41 9.25 11.44
CA TYR E 15 -1.68 10.32 12.11
C TYR E 15 -0.19 10.20 11.84
N LEU E 16 0.28 8.97 11.62
CA LEU E 16 1.68 8.74 11.27
C LEU E 16 2.04 9.46 9.98
N VAL E 17 1.12 9.41 9.01
CA VAL E 17 1.35 10.01 7.71
C VAL E 17 1.10 11.51 7.73
N GLU E 18 -0.02 11.90 8.34
CA GLU E 18 -0.43 13.30 8.34
C GLU E 18 0.51 14.18 9.15
N SER E 19 1.06 13.61 10.22
CA SER E 19 1.97 14.35 11.11
C SER E 19 3.34 14.53 10.48
N GLY E 20 3.63 13.77 9.44
CA GLY E 20 4.89 13.86 8.73
C GLY E 20 5.93 12.86 9.20
N ASN E 21 5.58 12.06 10.19
CA ASN E 21 6.52 11.12 10.74
C ASN E 21 6.83 9.98 9.77
N TYR E 22 5.87 9.59 8.94
CA TYR E 22 6.12 8.56 7.94
C TYR E 22 7.19 9.01 6.95
N GLU E 23 7.06 10.25 6.49
CA GLU E 23 8.02 10.80 5.53
C GLU E 23 9.41 10.82 6.16
N LEU E 24 9.51 11.46 7.32
CA LEU E 24 10.78 11.62 8.02
C LEU E 24 11.48 10.29 8.27
N ILE E 25 10.77 9.32 8.83
CA ILE E 25 11.37 8.06 9.22
C ILE E 25 11.80 7.24 8.02
N SER E 26 10.97 7.19 6.98
CA SER E 26 11.34 6.42 5.79
C SER E 26 12.57 7.03 5.09
N ASN E 27 12.66 8.36 5.08
CA ASN E 27 13.81 9.04 4.48
C ASN E 27 15.09 8.76 5.25
N GLU E 28 15.02 8.91 6.56
CA GLU E 28 16.14 8.63 7.45
C GLU E 28 16.60 7.19 7.25
N LEU E 29 15.63 6.30 7.29
CA LEU E 29 15.86 4.88 7.15
C LEU E 29 16.48 4.55 5.80
N LYS E 30 16.12 5.33 4.78
CA LYS E 30 16.72 5.14 3.46
C LYS E 30 18.17 5.59 3.51
N ALA E 31 18.36 6.85 3.89
CA ALA E 31 19.69 7.46 3.92
C ALA E 31 20.67 6.62 4.71
N ARG E 32 20.23 6.16 5.88
CA ARG E 32 21.09 5.37 6.74
C ARG E 32 21.45 4.04 6.10
N LEU E 33 20.43 3.24 5.76
CA LEU E 33 20.65 1.94 5.15
C LEU E 33 21.46 2.04 3.87
N LEU E 34 21.33 3.18 3.19
CA LEU E 34 22.06 3.41 1.96
C LEU E 34 23.56 3.63 2.23
N GLN E 35 23.88 4.30 3.33
CA GLN E 35 25.27 4.60 3.67
C GLN E 35 25.98 3.37 4.24
N GLU E 36 25.23 2.55 4.97
CA GLU E 36 25.76 1.29 5.50
C GLU E 36 26.06 0.28 4.40
N GLY E 37 25.58 0.56 3.18
CA GLY E 37 25.70 -0.39 2.09
C GLY E 37 24.76 -1.55 2.26
N TRP E 38 23.80 -1.40 3.16
CA TRP E 38 22.78 -2.41 3.41
C TRP E 38 21.88 -2.56 2.18
N VAL E 39 21.70 -1.46 1.46
CA VAL E 39 20.93 -1.50 0.23
C VAL E 39 21.60 -2.43 -0.79
N ASP E 40 22.87 -2.16 -1.07
CA ASP E 40 23.60 -2.91 -2.08
C ASP E 40 23.69 -4.39 -1.73
N LYS E 41 23.78 -4.69 -0.44
CA LYS E 41 23.85 -6.06 0.03
C LYS E 41 22.52 -6.78 -0.22
N VAL E 42 21.42 -6.08 0.07
CA VAL E 42 20.09 -6.63 -0.16
C VAL E 42 19.79 -6.60 -1.65
N LYS E 43 20.36 -5.64 -2.36
CA LYS E 43 20.18 -5.54 -3.81
C LYS E 43 20.76 -6.78 -4.47
N ASP E 44 22.04 -7.05 -4.20
CA ASP E 44 22.71 -8.21 -4.79
C ASP E 44 22.09 -9.52 -4.32
N LEU E 45 21.49 -9.50 -3.13
CA LEU E 45 20.90 -10.69 -2.54
C LEU E 45 19.61 -11.08 -3.25
N THR E 46 18.76 -10.10 -3.56
CA THR E 46 17.51 -10.36 -4.26
C THR E 46 17.81 -10.84 -5.68
N LYS E 47 18.80 -10.23 -6.33
CA LYS E 47 19.17 -10.58 -7.70
C LYS E 47 19.58 -12.04 -7.81
N SER E 48 20.42 -12.51 -6.89
CA SER E 48 20.86 -13.90 -6.91
C SER E 48 19.71 -14.82 -6.46
N GLU E 49 18.84 -14.29 -5.60
CA GLU E 49 17.68 -15.05 -5.17
C GLU E 49 16.64 -15.17 -6.30
N MET E 50 16.68 -14.24 -7.23
CA MET E 50 15.79 -14.27 -8.39
C MET E 50 16.35 -15.21 -9.44
N ASN E 51 17.66 -15.41 -9.43
CA ASN E 51 18.33 -16.19 -10.46
C ASN E 51 18.21 -17.69 -10.22
N ILE E 52 18.02 -18.09 -8.96
CA ILE E 52 17.89 -19.50 -8.63
C ILE E 52 16.54 -20.02 -9.11
N ASN E 53 15.51 -19.19 -8.99
CA ASN E 53 14.16 -19.56 -9.35
C ASN E 53 13.66 -18.83 -10.60
N GLU E 54 13.18 -19.58 -11.59
CA GLU E 54 12.69 -18.99 -12.84
C GLU E 54 11.60 -17.96 -12.54
N SER E 55 10.58 -18.38 -11.80
CA SER E 55 9.53 -17.47 -11.37
C SER E 55 10.05 -16.57 -10.27
N THR E 56 10.09 -15.27 -10.56
CA THR E 56 10.64 -14.30 -9.62
C THR E 56 9.53 -13.43 -9.05
N ASN E 57 8.96 -13.89 -7.95
CA ASN E 57 7.91 -13.19 -7.24
C ASN E 57 8.43 -12.57 -5.94
N PHE E 58 7.96 -11.38 -5.61
CA PHE E 58 8.41 -10.72 -4.40
C PHE E 58 8.07 -11.52 -3.15
N THR E 59 6.81 -11.93 -3.02
CA THR E 59 6.36 -12.66 -1.83
C THR E 59 7.07 -14.00 -1.70
N GLN E 60 7.50 -14.55 -2.83
CA GLN E 60 8.18 -15.83 -2.84
C GLN E 60 9.57 -15.70 -2.23
N ILE E 61 10.33 -14.71 -2.71
CA ILE E 61 11.69 -14.50 -2.22
C ILE E 61 11.68 -13.82 -0.84
N LEU E 62 10.56 -13.17 -0.52
CA LEU E 62 10.44 -12.48 0.77
C LEU E 62 10.72 -13.39 1.95
N SER E 63 10.26 -14.63 1.89
CA SER E 63 10.42 -15.56 3.02
C SER E 63 11.88 -15.97 3.22
N THR E 64 12.69 -15.83 2.17
CA THR E 64 14.09 -16.23 2.21
C THR E 64 15.04 -15.03 2.37
N VAL E 65 14.55 -13.84 2.07
CA VAL E 65 15.38 -12.62 2.08
C VAL E 65 15.08 -11.71 3.27
N GLU E 66 13.81 -11.62 3.66
CA GLU E 66 13.39 -10.73 4.73
C GLU E 66 14.15 -10.97 6.04
N PRO E 67 14.18 -12.24 6.52
CA PRO E 67 14.82 -12.45 7.83
C PRO E 67 16.30 -12.08 7.82
N LYS E 68 16.97 -12.35 6.72
CA LYS E 68 18.39 -12.06 6.59
C LYS E 68 18.66 -10.57 6.50
N ALA E 69 17.68 -9.82 6.00
CA ALA E 69 17.85 -8.39 5.77
C ALA E 69 17.70 -7.62 7.07
N LEU E 70 16.80 -8.09 7.94
CA LEU E 70 16.59 -7.45 9.23
C LEU E 70 17.87 -7.46 10.04
N GLU E 71 18.56 -8.60 10.04
CA GLU E 71 19.73 -8.78 10.88
C GLU E 71 20.90 -7.96 10.36
N MET E 72 20.93 -7.73 9.05
CA MET E 72 22.00 -6.94 8.46
C MET E 72 21.87 -5.46 8.78
N VAL E 73 20.68 -5.08 9.27
CA VAL E 73 20.47 -3.70 9.70
C VAL E 73 21.41 -3.42 10.85
N SER E 74 22.20 -2.36 10.69
CA SER E 74 23.14 -1.96 11.74
C SER E 74 22.40 -1.76 13.05
N ASP E 75 23.05 -2.16 14.14
CA ASP E 75 22.45 -2.03 15.46
C ASP E 75 22.10 -0.57 15.75
N SER E 76 22.95 0.33 15.27
CA SER E 76 22.70 1.75 15.41
C SER E 76 21.34 2.13 14.81
N THR E 77 21.17 1.83 13.52
CA THR E 77 19.95 2.16 12.79
C THR E 77 18.71 1.53 13.42
N ARG E 78 18.76 0.24 13.67
CA ARG E 78 17.59 -0.47 14.18
C ARG E 78 17.08 0.15 15.47
N GLU E 79 18.00 0.50 16.36
CA GLU E 79 17.61 1.03 17.66
C GLU E 79 17.14 2.47 17.53
N THR E 80 17.80 3.24 16.66
CA THR E 80 17.44 4.63 16.45
C THR E 80 16.01 4.74 15.93
N VAL E 81 15.68 3.92 14.93
CA VAL E 81 14.35 3.94 14.35
C VAL E 81 13.31 3.42 15.34
N LEU E 82 13.58 2.27 15.95
CA LEU E 82 12.69 1.70 16.94
C LEU E 82 12.38 2.73 18.03
N LYS E 83 13.41 3.45 18.45
CA LYS E 83 13.27 4.50 19.45
C LYS E 83 12.32 5.57 18.96
N GLN E 84 12.61 6.11 17.77
CA GLN E 84 11.79 7.16 17.17
C GLN E 84 10.34 6.73 16.95
N ILE E 85 10.14 5.48 16.56
CA ILE E 85 8.78 4.95 16.38
C ILE E 85 8.07 4.93 17.73
N ARG E 86 8.73 4.39 18.75
CA ARG E 86 8.14 4.27 20.08
C ARG E 86 7.82 5.63 20.69
N GLU E 87 8.75 6.57 20.53
CA GLU E 87 8.55 7.93 21.03
C GLU E 87 7.27 8.52 20.46
N PHE E 88 7.04 8.29 19.17
CA PHE E 88 5.82 8.76 18.51
C PHE E 88 4.60 8.07 19.07
N LEU E 89 4.65 6.74 19.16
CA LEU E 89 3.55 5.96 19.69
C LEU E 89 3.20 6.38 21.11
N GLU E 90 4.23 6.62 21.91
CA GLU E 90 4.05 6.97 23.31
C GLU E 90 3.21 8.25 23.46
N GLU E 91 3.36 9.18 22.52
CA GLU E 91 2.61 10.44 22.56
C GLU E 91 1.18 10.29 22.04
N ILE E 92 1.00 9.42 21.06
CA ILE E 92 -0.30 9.26 20.43
C ILE E 92 -1.24 8.44 21.29
N VAL E 93 -0.77 7.29 21.76
CA VAL E 93 -1.59 6.42 22.60
C VAL E 93 -1.90 7.12 23.92
N ASP E 94 -3.14 6.96 24.40
CA ASP E 94 -3.55 7.62 25.64
C ASP E 94 -3.34 6.69 26.83
N THR E 95 -3.19 7.30 28.01
CA THR E 95 -3.02 6.57 29.26
C THR E 95 -4.35 6.40 29.98
N GLU F 8 4.81 20.04 -1.31
CA GLU F 8 3.68 20.80 -0.80
C GLU F 8 2.58 19.86 -0.29
N SER F 9 2.40 18.74 -0.97
CA SER F 9 1.38 17.76 -0.60
C SER F 9 1.97 16.75 0.37
N ILE F 10 1.12 15.93 0.98
CA ILE F 10 1.58 14.97 1.97
C ILE F 10 2.06 13.69 1.29
N VAL F 11 3.12 13.14 1.86
CA VAL F 11 3.77 11.92 1.39
C VAL F 11 2.98 10.68 1.81
N LEU F 12 2.43 9.95 0.84
CA LEU F 12 1.72 8.71 1.16
C LEU F 12 2.64 7.51 1.04
N PRO F 13 2.48 6.52 1.96
CA PRO F 13 3.27 5.29 1.81
C PRO F 13 2.88 4.48 0.58
N THR F 14 3.82 3.70 0.07
CA THR F 14 3.53 2.84 -1.07
C THR F 14 2.78 1.60 -0.63
N VAL F 15 2.38 0.79 -1.61
CA VAL F 15 1.66 -0.45 -1.35
C VAL F 15 2.52 -1.39 -0.49
N GLY F 16 3.84 -1.20 -0.53
CA GLY F 16 4.75 -2.03 0.21
C GLY F 16 4.70 -1.85 1.72
N PHE F 17 4.21 -0.70 2.17
CA PHE F 17 4.12 -0.41 3.60
C PHE F 17 2.90 -1.10 4.19
N ASP F 18 3.08 -2.35 4.61
CA ASP F 18 1.95 -3.21 4.98
C ASP F 18 1.68 -3.22 6.49
N PHE F 19 1.41 -2.05 7.04
CA PHE F 19 1.10 -1.96 8.46
C PHE F 19 -0.16 -2.75 8.78
N ILE F 20 -1.23 -2.55 8.03
CA ILE F 20 -2.46 -3.31 8.23
C ILE F 20 -2.46 -4.52 7.29
N LYS F 21 -2.53 -5.71 7.90
CA LYS F 21 -2.44 -6.98 7.18
C LYS F 21 -1.09 -7.11 6.49
N GLU G 8 -5.13 -20.58 -13.48
CA GLU G 8 -4.20 -21.36 -12.69
C GLU G 8 -2.79 -20.75 -12.66
N SER G 9 -2.17 -20.68 -13.83
CA SER G 9 -0.77 -20.26 -13.91
C SER G 9 -0.61 -18.88 -14.52
N ILE G 10 0.42 -18.15 -14.08
CA ILE G 10 0.73 -16.83 -14.63
C ILE G 10 2.04 -16.83 -15.38
N VAL G 11 1.97 -16.82 -16.70
CA VAL G 11 3.15 -16.69 -17.53
C VAL G 11 3.11 -15.33 -18.22
N LEU G 12 4.20 -14.58 -18.12
CA LEU G 12 4.26 -13.28 -18.76
C LEU G 12 4.46 -13.47 -20.25
N LYS H 7 -8.94 -1.01 27.12
CA LYS H 7 -9.34 0.02 26.18
C LYS H 7 -8.18 0.99 25.92
N GLU H 8 -7.89 1.23 24.64
CA GLU H 8 -6.77 2.08 24.24
C GLU H 8 -7.23 3.21 23.30
N SER H 9 -6.84 4.44 23.63
CA SER H 9 -7.31 5.63 22.92
C SER H 9 -6.20 6.31 22.09
N ILE H 10 -6.62 6.97 21.02
CA ILE H 10 -5.72 7.71 20.14
C ILE H 10 -5.96 9.22 20.25
N VAL H 11 -4.97 9.94 20.77
CA VAL H 11 -5.04 11.39 20.89
C VAL H 11 -4.14 12.05 19.84
N LEU H 12 -4.69 13.03 19.14
CA LEU H 12 -4.02 13.69 18.03
C LEU H 12 -2.83 14.53 18.45
#